data_3NYB
#
_entry.id   3NYB
#
_cell.length_a   92.720
_cell.length_b   92.720
_cell.length_c   103.630
_cell.angle_alpha   90.00
_cell.angle_beta   90.00
_cell.angle_gamma   120.00
#
_symmetry.space_group_name_H-M   'P 3 2 1'
#
loop_
_entity.id
_entity.type
_entity.pdbx_description
1 polymer 'Poly(A) RNA polymerase protein 2'
2 polymer 'Protein AIR2'
3 non-polymer 'ZINC ION'
4 water water
#
loop_
_entity_poly.entity_id
_entity_poly.type
_entity_poly.pdbx_seq_one_letter_code
_entity_poly.pdbx_strand_id
1 'polypeptide(L)'
;GSYPWILNHDHSKQKEISDWLTFEIKDFVAYISPSREEIEIRNQTISTIREAVKQLWPDADLHVFGSYSTDLYLPGSDID
CVVTSELGGKESRNNLYSLASHLKKKNLATEVEVVAKARVPIIKFVEPHSGIHIAVSFERTNGIEAAKLIREWLDDTPGL
RELVLIVKQFLHARRLNNVHTGGLGGFSIICLVFSFLHMHPRIITNEIDPKDNLGVLLIEFFELYGKNFGYDDVALGSSD
GYPVYFPKSTWSAIQPIKNPFSLAIQDPGDESNNISRGSFNIRDIKKAFAGAFDLLTNRCFELHSATFKDRLGKSILGNV
IKY
;
A
2 'polypeptide(L)'
;GSWKKVQCTLCKSKKHSKERCPSIWRAYILVDDNEKAKPKVLPFHTIYCYNCGGKGHFGDDCKEKRSSRVPNEDGSAFTG
SNL
;
B
#
# COMPACT_ATOMS: atom_id res chain seq x y z
N GLY A 1 -20.13 -6.34 -7.46
CA GLY A 1 -21.20 -6.11 -6.51
C GLY A 1 -21.29 -7.18 -5.43
N SER A 2 -20.69 -8.34 -5.69
CA SER A 2 -20.65 -9.42 -4.73
C SER A 2 -19.42 -9.26 -3.84
N TYR A 3 -19.50 -9.81 -2.63
CA TYR A 3 -18.41 -9.72 -1.66
C TYR A 3 -18.12 -11.12 -1.15
N PRO A 4 -17.59 -11.97 -2.03
CA PRO A 4 -17.44 -13.40 -1.79
C PRO A 4 -16.77 -13.68 -0.45
N TRP A 5 -15.82 -12.82 -0.04
CA TRP A 5 -15.06 -13.09 1.19
C TRP A 5 -15.92 -13.02 2.46
N ILE A 6 -17.15 -12.57 2.30
CA ILE A 6 -18.11 -12.47 3.39
C ILE A 6 -18.80 -13.80 3.66
N LEU A 7 -18.95 -14.61 2.62
CA LEU A 7 -19.74 -15.84 2.71
C LEU A 7 -19.25 -16.75 3.84
N ASN A 8 -20.16 -17.09 4.76
CA ASN A 8 -19.85 -17.92 5.93
C ASN A 8 -18.95 -17.22 6.94
N HIS A 9 -18.89 -15.90 6.84
CA HIS A 9 -18.01 -15.12 7.70
C HIS A 9 -18.69 -13.84 8.15
N ASP A 10 -19.96 -13.94 8.52
CA ASP A 10 -20.73 -12.78 8.93
C ASP A 10 -20.36 -12.36 10.35
N HIS A 11 -20.01 -11.09 10.53
CA HIS A 11 -19.73 -10.57 11.87
C HIS A 11 -20.69 -9.46 12.26
N SER A 12 -21.91 -9.54 11.76
CA SER A 12 -22.87 -8.45 11.91
C SER A 12 -23.27 -8.26 13.37
N LYS A 13 -23.08 -9.30 14.18
CA LYS A 13 -23.49 -9.26 15.59
C LYS A 13 -22.40 -8.69 16.52
N GLN A 14 -21.32 -8.21 15.94
CA GLN A 14 -20.18 -7.73 16.73
C GLN A 14 -20.54 -6.43 17.43
N LYS A 15 -20.08 -6.27 18.68
CA LYS A 15 -20.39 -5.09 19.48
C LYS A 15 -19.63 -3.88 18.99
N GLU A 16 -18.32 -4.05 18.80
CA GLU A 16 -17.49 -2.98 18.27
C GLU A 16 -17.39 -3.10 16.74
N ILE A 17 -17.87 -2.08 16.05
CA ILE A 17 -17.83 -2.09 14.60
C ILE A 17 -16.39 -2.20 14.10
N SER A 18 -15.46 -1.64 14.87
CA SER A 18 -14.05 -1.65 14.53
C SER A 18 -13.44 -3.03 14.65
N ASP A 19 -14.24 -3.98 15.11
CA ASP A 19 -13.84 -5.39 15.18
C ASP A 19 -14.40 -6.14 13.99
N TRP A 20 -15.70 -6.01 13.78
CA TRP A 20 -16.35 -6.22 12.50
C TRP A 20 -15.31 -5.98 11.42
N LEU A 21 -14.82 -4.73 11.36
CA LEU A 21 -13.91 -4.34 10.29
C LEU A 21 -12.62 -5.16 10.28
N THR A 22 -11.98 -5.26 11.43
CA THR A 22 -10.75 -6.02 11.57
C THR A 22 -10.93 -7.44 11.03
N PHE A 23 -11.99 -8.10 11.45
CA PHE A 23 -12.30 -9.44 10.99
C PHE A 23 -12.54 -9.52 9.49
N GLU A 24 -13.21 -8.52 8.93
CA GLU A 24 -13.46 -8.52 7.49
C GLU A 24 -12.17 -8.32 6.72
N ILE A 25 -11.26 -7.51 7.25
CA ILE A 25 -9.96 -7.34 6.60
C ILE A 25 -9.26 -8.70 6.46
N LYS A 26 -9.20 -9.45 7.57
CA LYS A 26 -8.60 -10.79 7.58
C LYS A 26 -9.31 -11.76 6.62
N ASP A 27 -10.61 -11.56 6.44
CA ASP A 27 -11.35 -12.46 5.55
C ASP A 27 -10.95 -12.22 4.11
N PHE A 28 -10.97 -10.96 3.71
CA PHE A 28 -10.52 -10.53 2.40
C PHE A 28 -9.10 -11.00 2.09
N VAL A 29 -8.17 -10.68 2.99
CA VAL A 29 -6.77 -11.07 2.82
C VAL A 29 -6.61 -12.57 2.62
N ALA A 30 -7.37 -13.36 3.37
CA ALA A 30 -7.27 -14.80 3.22
C ALA A 30 -7.89 -15.22 1.89
N TYR A 31 -8.99 -14.56 1.54
CA TYR A 31 -9.65 -14.87 0.27
C TYR A 31 -8.74 -14.56 -0.94
N ILE A 32 -7.93 -13.50 -0.83
CA ILE A 32 -7.04 -13.11 -1.93
C ILE A 32 -5.70 -13.86 -1.80
N SER A 33 -5.63 -14.77 -0.83
CA SER A 33 -4.39 -15.48 -0.56
C SER A 33 -4.44 -16.86 -1.26
N PRO A 34 -3.28 -17.36 -1.75
CA PRO A 34 -3.30 -18.49 -2.70
C PRO A 34 -3.59 -19.84 -2.08
N SER A 35 -4.00 -20.78 -2.91
CA SER A 35 -4.20 -22.16 -2.47
C SER A 35 -3.02 -22.99 -2.96
N ARG A 36 -2.82 -24.14 -2.34
CA ARG A 36 -1.83 -25.11 -2.81
C ARG A 36 -1.91 -25.38 -4.31
N GLU A 37 -3.11 -25.63 -4.83
CA GLU A 37 -3.25 -25.85 -6.27
C GLU A 37 -2.75 -24.63 -7.02
N GLU A 38 -3.19 -23.46 -6.57
CA GLU A 38 -2.82 -22.22 -7.22
C GLU A 38 -1.32 -22.13 -7.30
N ILE A 39 -0.66 -22.57 -6.23
CA ILE A 39 0.78 -22.49 -6.16
C ILE A 39 1.39 -23.48 -7.14
N GLU A 40 0.85 -24.69 -7.18
CA GLU A 40 1.37 -25.73 -8.04
C GLU A 40 1.42 -25.24 -9.46
N ILE A 41 0.28 -24.72 -9.93
CA ILE A 41 0.18 -24.20 -11.28
C ILE A 41 1.19 -23.09 -11.53
N ARG A 42 1.28 -22.15 -10.60
CA ARG A 42 2.20 -21.04 -10.75
C ARG A 42 3.61 -21.56 -10.98
N ASN A 43 4.03 -22.52 -10.18
CA ASN A 43 5.38 -23.09 -10.34
C ASN A 43 5.57 -23.76 -11.71
N GLN A 44 4.58 -24.53 -12.14
CA GLN A 44 4.65 -25.18 -13.44
C GLN A 44 4.86 -24.17 -14.54
N THR A 45 4.00 -23.15 -14.57
CA THR A 45 4.07 -22.19 -15.67
C THR A 45 5.39 -21.43 -15.65
N ILE A 46 5.81 -21.00 -14.46
CA ILE A 46 7.10 -20.34 -14.33
C ILE A 46 8.21 -21.26 -14.84
N SER A 47 8.15 -22.53 -14.46
CA SER A 47 9.18 -23.46 -14.89
C SER A 47 9.11 -23.65 -16.40
N THR A 48 7.89 -23.71 -16.93
CA THR A 48 7.67 -23.82 -18.36
C THR A 48 8.30 -22.64 -19.09
N ILE A 49 8.15 -21.45 -18.52
CA ILE A 49 8.73 -20.27 -19.13
C ILE A 49 10.25 -20.26 -19.00
N ARG A 50 10.75 -20.68 -17.83
CA ARG A 50 12.19 -20.79 -17.62
C ARG A 50 12.77 -21.71 -18.68
N GLU A 51 12.10 -22.85 -18.87
CA GLU A 51 12.52 -23.84 -19.83
C GLU A 51 12.55 -23.26 -21.25
N ALA A 52 11.62 -22.36 -21.56
CA ALA A 52 11.62 -21.70 -22.86
C ALA A 52 12.77 -20.71 -23.02
N VAL A 53 13.25 -20.18 -21.91
CA VAL A 53 14.37 -19.24 -21.92
C VAL A 53 15.69 -20.02 -22.12
N LYS A 54 15.82 -21.13 -21.42
CA LYS A 54 16.96 -22.02 -21.60
C LYS A 54 17.19 -22.29 -23.09
N GLN A 55 16.11 -22.42 -23.85
CA GLN A 55 16.22 -22.70 -25.28
C GLN A 55 16.96 -21.66 -26.09
N LEU A 56 16.84 -20.40 -25.69
CA LEU A 56 17.59 -19.31 -26.33
C LEU A 56 19.00 -19.21 -25.75
N TRP A 57 19.06 -19.27 -24.41
CA TRP A 57 20.31 -19.09 -23.68
C TRP A 57 20.35 -20.13 -22.57
N PRO A 58 20.96 -21.29 -22.85
CA PRO A 58 21.03 -22.41 -21.90
C PRO A 58 21.70 -22.03 -20.57
N ASP A 59 22.43 -20.92 -20.57
CA ASP A 59 23.07 -20.42 -19.36
C ASP A 59 22.14 -19.61 -18.43
N ALA A 60 21.01 -19.15 -18.97
CA ALA A 60 20.13 -18.25 -18.23
C ALA A 60 19.19 -19.01 -17.28
N ASP A 61 18.85 -18.36 -16.18
CA ASP A 61 17.87 -18.87 -15.24
C ASP A 61 16.80 -17.80 -15.13
N LEU A 62 15.81 -18.03 -14.28
CA LEU A 62 14.67 -17.14 -14.18
C LEU A 62 14.15 -17.15 -12.74
N HIS A 63 14.02 -15.97 -12.15
CA HIS A 63 13.58 -15.89 -10.76
C HIS A 63 12.45 -14.92 -10.53
N VAL A 64 11.52 -15.31 -9.67
CA VAL A 64 10.42 -14.43 -9.30
C VAL A 64 10.90 -13.45 -8.25
N PHE A 65 10.71 -12.16 -8.49
CA PHE A 65 11.01 -11.13 -7.48
C PHE A 65 9.81 -10.20 -7.28
N GLY A 66 9.73 -9.53 -6.14
CA GLY A 66 8.72 -8.50 -5.95
C GLY A 66 7.49 -8.97 -5.22
N SER A 67 6.34 -8.41 -5.59
CA SER A 67 5.07 -8.70 -4.93
C SER A 67 4.86 -10.19 -4.71
N TYR A 68 5.35 -11.01 -5.62
CA TYR A 68 5.05 -12.44 -5.55
C TYR A 68 5.99 -13.27 -4.68
N SER A 69 7.15 -12.72 -4.32
CA SER A 69 8.12 -13.43 -3.45
C SER A 69 7.93 -13.01 -2.00
N THR A 70 7.44 -11.79 -1.82
CA THR A 70 6.75 -11.42 -0.60
C THR A 70 5.36 -11.90 -0.93
N ASP A 71 4.36 -11.53 -0.16
CA ASP A 71 3.01 -11.88 -0.58
C ASP A 71 2.18 -10.62 -0.57
N LEU A 72 2.61 -9.65 -1.37
CA LEU A 72 2.00 -8.34 -1.42
C LEU A 72 1.37 -8.11 -2.79
N TYR A 73 1.03 -9.21 -3.46
CA TYR A 73 0.49 -9.13 -4.81
C TYR A 73 -1.03 -9.23 -4.82
N LEU A 74 -1.67 -8.44 -5.68
CA LEU A 74 -3.09 -8.62 -5.94
C LEU A 74 -3.29 -9.72 -7.01
N PRO A 75 -4.25 -10.60 -6.79
CA PRO A 75 -4.53 -11.68 -7.75
C PRO A 75 -4.75 -11.12 -9.16
N GLY A 76 -4.21 -11.79 -10.19
CA GLY A 76 -4.29 -11.29 -11.54
C GLY A 76 -3.18 -10.30 -11.89
N SER A 77 -2.46 -9.78 -10.90
CA SER A 77 -1.35 -8.88 -11.20
C SER A 77 -0.19 -9.63 -11.84
N ASP A 78 0.62 -8.92 -12.63
CA ASP A 78 1.81 -9.51 -13.27
C ASP A 78 2.73 -10.03 -12.20
N ILE A 79 3.27 -11.23 -12.44
CA ILE A 79 4.34 -11.70 -11.58
C ILE A 79 5.66 -11.42 -12.26
N ASP A 80 6.54 -10.72 -11.54
CA ASP A 80 7.79 -10.20 -12.11
C ASP A 80 8.91 -11.22 -12.08
N CYS A 81 9.57 -11.41 -13.21
CA CYS A 81 10.72 -12.29 -13.31
C CYS A 81 11.95 -11.59 -13.86
N VAL A 82 13.12 -11.95 -13.33
CA VAL A 82 14.41 -11.54 -13.87
C VAL A 82 15.06 -12.70 -14.61
N VAL A 83 15.67 -12.42 -15.76
CA VAL A 83 16.46 -13.43 -16.46
C VAL A 83 17.94 -13.13 -16.25
N THR A 84 18.74 -14.20 -16.02
CA THR A 84 20.06 -14.07 -15.39
C THR A 84 21.35 -14.25 -16.20
N SER A 85 21.31 -14.70 -17.45
CA SER A 85 22.58 -14.70 -18.20
C SER A 85 23.03 -13.25 -18.41
N GLU A 86 24.33 -13.03 -18.60
CA GLU A 86 24.81 -11.68 -18.87
C GLU A 86 24.22 -11.17 -20.18
N LEU A 87 22.96 -10.72 -20.11
CA LEU A 87 22.19 -10.34 -21.30
C LEU A 87 21.65 -8.93 -21.16
N GLY A 88 21.87 -8.32 -20.00
CA GLY A 88 21.32 -7.00 -19.71
C GLY A 88 22.05 -5.85 -20.40
N GLY A 89 22.18 -4.74 -19.68
CA GLY A 89 22.78 -3.54 -20.22
C GLY A 89 22.12 -3.10 -21.51
N LYS A 90 22.93 -2.68 -22.47
CA LYS A 90 22.42 -2.11 -23.72
C LYS A 90 21.94 -3.19 -24.67
N GLU A 91 22.30 -4.45 -24.38
CA GLU A 91 21.81 -5.58 -25.13
C GLU A 91 20.42 -6.01 -24.62
N SER A 92 20.00 -5.39 -23.51
CA SER A 92 18.69 -5.68 -22.92
C SER A 92 17.53 -5.77 -23.95
N ARG A 93 17.37 -4.74 -24.78
CA ARG A 93 16.22 -4.65 -25.64
C ARG A 93 16.30 -5.70 -26.72
N ASN A 94 17.37 -5.63 -27.51
CA ASN A 94 17.58 -6.61 -28.58
C ASN A 94 17.24 -8.04 -28.14
N ASN A 95 17.57 -8.37 -26.89
CA ASN A 95 17.33 -9.72 -26.33
C ASN A 95 15.87 -9.92 -25.94
N LEU A 96 15.21 -8.84 -25.50
CA LEU A 96 13.78 -8.93 -25.24
C LEU A 96 13.01 -9.17 -26.55
N TYR A 97 13.39 -8.49 -27.62
CA TYR A 97 12.72 -8.70 -28.92
C TYR A 97 12.80 -10.17 -29.32
N SER A 98 13.94 -10.79 -29.04
CA SER A 98 14.16 -12.19 -29.39
C SER A 98 13.33 -13.13 -28.54
N LEU A 99 13.29 -12.84 -27.24
CA LEU A 99 12.47 -13.60 -26.30
C LEU A 99 11.00 -13.49 -26.69
N ALA A 100 10.57 -12.26 -27.01
CA ALA A 100 9.19 -12.02 -27.45
C ALA A 100 8.87 -12.86 -28.67
N SER A 101 9.62 -12.63 -29.75
CA SER A 101 9.43 -13.40 -30.97
C SER A 101 9.31 -14.89 -30.65
N HIS A 102 10.13 -15.36 -29.73
CA HIS A 102 10.21 -16.78 -29.40
C HIS A 102 8.99 -17.27 -28.60
N LEU A 103 8.60 -16.48 -27.60
CA LEU A 103 7.42 -16.80 -26.81
C LEU A 103 6.18 -16.96 -27.69
N LYS A 104 5.98 -16.02 -28.61
CA LYS A 104 4.83 -16.02 -29.49
C LYS A 104 4.81 -17.30 -30.32
N LYS A 105 5.96 -17.59 -30.91
CA LYS A 105 6.14 -18.77 -31.77
C LYS A 105 5.87 -20.09 -31.02
N LYS A 106 6.41 -20.20 -29.82
CA LYS A 106 6.22 -21.40 -29.00
C LYS A 106 4.86 -21.39 -28.24
N ASN A 107 4.04 -20.37 -28.49
CA ASN A 107 2.70 -20.27 -27.89
C ASN A 107 2.63 -20.08 -26.37
N LEU A 108 3.62 -19.42 -25.79
CA LEU A 108 3.60 -19.13 -24.36
C LEU A 108 3.17 -17.69 -24.13
N ALA A 109 2.85 -17.02 -25.24
CA ALA A 109 2.40 -15.65 -25.19
C ALA A 109 1.53 -15.35 -26.40
N THR A 110 0.53 -14.49 -26.22
CA THR A 110 -0.22 -13.94 -27.36
C THR A 110 0.29 -12.54 -27.67
N GLU A 111 -0.38 -11.52 -27.15
CA GLU A 111 0.14 -10.17 -27.33
C GLU A 111 1.23 -9.88 -26.34
N VAL A 112 2.38 -9.49 -26.85
CA VAL A 112 3.52 -9.15 -26.02
C VAL A 112 3.79 -7.66 -26.09
N GLU A 113 3.85 -7.02 -24.93
CA GLU A 113 4.10 -5.59 -24.90
C GLU A 113 5.41 -5.23 -24.22
N VAL A 114 6.23 -4.45 -24.92
CA VAL A 114 7.41 -3.83 -24.31
C VAL A 114 7.05 -2.58 -23.50
N VAL A 115 7.56 -2.49 -22.27
CA VAL A 115 7.33 -1.32 -21.44
C VAL A 115 8.58 -1.05 -20.61
N ALA A 116 8.50 -0.06 -19.72
CA ALA A 116 9.66 0.31 -18.92
C ALA A 116 9.29 0.67 -17.49
N LYS A 117 9.96 0.05 -16.52
CA LYS A 117 9.74 0.37 -15.13
C LYS A 117 10.98 1.09 -14.57
N ALA A 118 11.12 2.36 -14.95
CA ALA A 118 12.21 3.21 -14.48
C ALA A 118 13.54 2.94 -15.19
N ARG A 119 13.53 3.10 -16.52
CA ARG A 119 14.74 2.88 -17.32
C ARG A 119 15.13 1.42 -17.47
N VAL A 120 14.38 0.52 -16.83
CA VAL A 120 14.57 -0.91 -17.02
C VAL A 120 13.49 -1.42 -17.97
N PRO A 121 13.89 -1.92 -19.15
CA PRO A 121 12.95 -2.37 -20.18
C PRO A 121 12.34 -3.71 -19.81
N ILE A 122 11.03 -3.83 -20.01
CA ILE A 122 10.28 -4.99 -19.54
C ILE A 122 9.34 -5.54 -20.62
N ILE A 123 9.12 -6.85 -20.57
CA ILE A 123 8.24 -7.52 -21.52
C ILE A 123 7.04 -8.11 -20.76
N LYS A 124 5.83 -7.67 -21.10
CA LYS A 124 4.63 -8.16 -20.44
C LYS A 124 3.85 -9.06 -21.37
N PHE A 125 3.28 -10.13 -20.83
CA PHE A 125 2.45 -11.04 -21.63
C PHE A 125 1.57 -11.94 -20.77
N VAL A 126 0.78 -12.77 -21.42
CA VAL A 126 -0.05 -13.75 -20.71
C VAL A 126 0.25 -15.14 -21.23
N GLU A 127 0.62 -16.05 -20.34
CA GLU A 127 0.77 -17.45 -20.74
C GLU A 127 -0.64 -18.00 -20.91
N PRO A 128 -0.97 -18.40 -22.13
CA PRO A 128 -2.32 -18.73 -22.62
C PRO A 128 -2.96 -19.92 -21.90
N HIS A 129 -2.22 -20.99 -21.71
CA HIS A 129 -2.76 -22.18 -21.07
C HIS A 129 -3.29 -21.87 -19.68
N SER A 130 -2.48 -21.17 -18.89
CA SER A 130 -2.83 -20.88 -17.50
C SER A 130 -3.46 -19.51 -17.30
N GLY A 131 -3.37 -18.64 -18.32
CA GLY A 131 -3.93 -17.30 -18.24
C GLY A 131 -3.20 -16.39 -17.27
N ILE A 132 -2.04 -16.84 -16.81
CA ILE A 132 -1.21 -16.10 -15.84
C ILE A 132 -0.47 -14.92 -16.49
N HIS A 133 -0.41 -13.79 -15.80
CA HIS A 133 0.25 -12.61 -16.33
C HIS A 133 1.70 -12.57 -15.90
N ILE A 134 2.60 -12.41 -16.87
CA ILE A 134 4.04 -12.37 -16.60
C ILE A 134 4.68 -11.08 -17.11
N ALA A 135 5.62 -10.56 -16.33
CA ALA A 135 6.49 -9.48 -16.77
C ALA A 135 7.97 -9.86 -16.58
N VAL A 136 8.71 -9.87 -17.68
CA VAL A 136 10.11 -10.28 -17.66
C VAL A 136 11.08 -9.15 -17.95
N SER A 137 12.18 -9.13 -17.21
CA SER A 137 13.24 -8.15 -17.42
C SER A 137 14.58 -8.80 -17.05
N PHE A 138 15.69 -8.19 -17.47
CA PHE A 138 17.02 -8.73 -17.15
C PHE A 138 17.63 -8.05 -15.95
N GLU A 139 16.79 -7.43 -15.13
CA GLU A 139 17.24 -6.65 -13.98
C GLU A 139 16.06 -6.43 -13.03
N ARG A 140 16.24 -6.73 -11.75
CA ARG A 140 15.18 -6.46 -10.79
C ARG A 140 14.79 -4.99 -10.90
N THR A 141 13.51 -4.70 -10.73
CA THR A 141 13.03 -3.34 -10.92
C THR A 141 12.86 -2.57 -9.63
N ASN A 142 12.94 -3.27 -8.49
CA ASN A 142 12.79 -2.59 -7.22
C ASN A 142 14.11 -2.44 -6.47
N GLY A 143 15.00 -1.63 -7.02
CA GLY A 143 16.29 -1.37 -6.43
C GLY A 143 16.94 -2.62 -5.87
N ILE A 144 17.70 -2.45 -4.79
CA ILE A 144 18.39 -3.55 -4.14
C ILE A 144 18.26 -3.38 -2.64
N GLU A 145 18.70 -2.22 -2.17
CA GLU A 145 18.48 -1.80 -0.79
C GLU A 145 16.98 -1.71 -0.49
N ALA A 146 16.19 -1.21 -1.45
CA ALA A 146 14.75 -1.14 -1.25
C ALA A 146 14.18 -2.51 -0.97
N ALA A 147 14.56 -3.48 -1.79
CA ALA A 147 14.02 -4.82 -1.64
C ALA A 147 14.29 -5.34 -0.23
N LYS A 148 15.51 -5.13 0.26
CA LYS A 148 15.90 -5.64 1.57
C LYS A 148 15.10 -4.97 2.69
N LEU A 149 14.91 -3.66 2.57
CA LEU A 149 14.07 -2.95 3.53
C LEU A 149 12.70 -3.63 3.64
N ILE A 150 12.10 -3.92 2.49
CA ILE A 150 10.81 -4.59 2.42
C ILE A 150 10.77 -5.86 3.27
N ARG A 151 11.73 -6.74 3.06
CA ARG A 151 11.73 -8.01 3.80
C ARG A 151 11.90 -7.79 5.30
N GLU A 152 12.79 -6.87 5.65
CA GLU A 152 13.00 -6.53 7.04
C GLU A 152 11.76 -5.87 7.64
N TRP A 153 11.24 -4.85 6.97
CA TRP A 153 10.01 -4.23 7.46
C TRP A 153 8.95 -5.31 7.76
N LEU A 154 8.89 -6.32 6.90
CA LEU A 154 7.86 -7.34 7.02
C LEU A 154 8.10 -8.25 8.20
N ASP A 155 9.34 -8.33 8.63
CA ASP A 155 9.68 -9.11 9.81
C ASP A 155 9.29 -8.41 11.12
N ASP A 156 9.66 -7.14 11.26
CA ASP A 156 9.42 -6.44 12.52
C ASP A 156 8.18 -5.56 12.51
N THR A 157 7.16 -5.94 11.74
CA THR A 157 5.96 -5.11 11.62
C THR A 157 4.67 -5.91 11.45
N PRO A 158 4.06 -6.33 12.56
CA PRO A 158 2.78 -7.01 12.42
C PRO A 158 1.70 -6.11 11.84
N GLY A 159 1.03 -6.57 10.78
CA GLY A 159 -0.05 -5.82 10.19
C GLY A 159 0.32 -5.22 8.85
N LEU A 160 1.63 -5.15 8.59
CA LEU A 160 2.11 -4.52 7.38
C LEU A 160 1.50 -5.12 6.10
N ARG A 161 1.61 -6.43 5.93
CA ARG A 161 1.05 -7.10 4.77
C ARG A 161 -0.46 -6.82 4.59
N GLU A 162 -1.24 -6.97 5.65
CA GLU A 162 -2.69 -6.83 5.56
C GLU A 162 -3.10 -5.44 5.12
N LEU A 163 -2.52 -4.42 5.76
CA LEU A 163 -2.89 -3.06 5.40
C LEU A 163 -2.42 -2.73 3.99
N VAL A 164 -1.25 -3.22 3.61
CA VAL A 164 -0.74 -3.00 2.26
C VAL A 164 -1.69 -3.59 1.22
N LEU A 165 -2.14 -4.81 1.44
CA LEU A 165 -3.07 -5.43 0.51
C LEU A 165 -4.34 -4.59 0.35
N ILE A 166 -4.91 -4.15 1.46
CA ILE A 166 -6.12 -3.33 1.41
C ILE A 166 -5.90 -2.03 0.63
N VAL A 167 -4.86 -1.29 1.03
CA VAL A 167 -4.52 -0.05 0.37
C VAL A 167 -4.19 -0.29 -1.10
N LYS A 168 -3.59 -1.43 -1.40
CA LYS A 168 -3.20 -1.75 -2.77
C LYS A 168 -4.49 -1.95 -3.56
N GLN A 169 -5.38 -2.78 -3.04
CA GLN A 169 -6.66 -3.02 -3.67
C GLN A 169 -7.42 -1.72 -3.87
N PHE A 170 -7.53 -0.94 -2.82
CA PHE A 170 -8.22 0.34 -2.94
C PHE A 170 -7.66 1.15 -4.12
N LEU A 171 -6.35 1.40 -4.09
CA LEU A 171 -5.70 2.21 -5.11
C LEU A 171 -5.90 1.66 -6.51
N HIS A 172 -6.09 0.35 -6.61
CA HIS A 172 -6.16 -0.30 -7.92
C HIS A 172 -7.56 -0.18 -8.55
N ALA A 173 -8.60 -0.33 -7.72
CA ALA A 173 -9.99 -0.11 -8.15
C ALA A 173 -10.18 1.25 -8.83
N ARG A 174 -9.63 2.29 -8.19
CA ARG A 174 -9.34 3.54 -8.88
C ARG A 174 -8.01 3.28 -9.55
N ARG A 175 -7.72 3.94 -10.66
CA ARG A 175 -6.48 3.57 -11.32
C ARG A 175 -5.33 4.38 -10.77
N LEU A 176 -5.19 4.34 -9.44
CA LEU A 176 -4.27 5.21 -8.75
C LEU A 176 -2.99 4.52 -8.32
N ASN A 177 -2.74 3.34 -8.88
CA ASN A 177 -1.55 2.59 -8.48
C ASN A 177 -0.53 2.35 -9.59
N ASN A 178 -0.57 3.16 -10.64
CA ASN A 178 0.49 3.11 -11.63
C ASN A 178 1.25 4.41 -11.84
N VAL A 179 2.57 4.33 -11.66
CA VAL A 179 3.45 5.48 -11.86
C VAL A 179 3.34 6.05 -13.28
N HIS A 180 3.13 5.19 -14.27
CA HIS A 180 3.02 5.62 -15.66
C HIS A 180 2.02 6.76 -15.81
N THR A 181 0.99 6.75 -14.97
CA THR A 181 -0.04 7.78 -15.01
C THR A 181 -0.07 8.55 -13.70
N GLY A 182 1.06 8.55 -13.01
CA GLY A 182 1.23 9.36 -11.81
C GLY A 182 0.64 8.80 -10.53
N GLY A 183 0.38 7.49 -10.50
CA GLY A 183 -0.09 6.83 -9.27
C GLY A 183 1.06 6.47 -8.32
N LEU A 184 0.73 5.82 -7.21
CA LEU A 184 1.76 5.37 -6.25
C LEU A 184 2.35 4.02 -6.62
N GLY A 185 3.68 3.95 -6.63
CA GLY A 185 4.38 2.70 -6.87
C GLY A 185 4.30 1.77 -5.67
N GLY A 186 4.82 0.56 -5.83
CA GLY A 186 4.71 -0.44 -4.80
C GLY A 186 5.49 -0.08 -3.54
N PHE A 187 6.77 0.22 -3.71
CA PHE A 187 7.60 0.54 -2.56
C PHE A 187 7.01 1.72 -1.76
N SER A 188 6.60 2.75 -2.49
CA SER A 188 6.00 3.92 -1.86
C SER A 188 4.82 3.55 -0.97
N ILE A 189 3.95 2.68 -1.46
CA ILE A 189 2.79 2.31 -0.68
C ILE A 189 3.24 1.64 0.59
N ILE A 190 4.16 0.68 0.44
CA ILE A 190 4.69 -0.05 1.58
C ILE A 190 5.27 0.92 2.60
N CYS A 191 6.05 1.88 2.12
CA CYS A 191 6.63 2.89 2.99
C CYS A 191 5.59 3.62 3.85
N LEU A 192 4.57 4.17 3.20
CA LEU A 192 3.54 4.94 3.91
C LEU A 192 2.92 4.15 5.04
N VAL A 193 2.51 2.93 4.75
CA VAL A 193 1.91 2.08 5.76
C VAL A 193 2.91 1.82 6.86
N PHE A 194 4.11 1.40 6.46
CA PHE A 194 5.14 1.06 7.43
C PHE A 194 5.39 2.22 8.39
N SER A 195 5.64 3.40 7.82
CA SER A 195 5.85 4.59 8.62
C SER A 195 4.70 4.76 9.60
N PHE A 196 3.50 4.91 9.06
CA PHE A 196 2.30 5.09 9.87
C PHE A 196 2.23 4.10 11.04
N LEU A 197 2.34 2.82 10.76
CA LEU A 197 2.33 1.80 11.80
C LEU A 197 3.36 2.08 12.88
N HIS A 198 4.61 2.30 12.47
CA HIS A 198 5.72 2.36 13.41
C HIS A 198 5.75 3.61 14.28
N MET A 199 5.06 4.66 13.86
CA MET A 199 5.02 5.86 14.70
C MET A 199 3.61 6.28 15.12
N HIS A 200 2.77 5.31 15.40
CA HIS A 200 1.42 5.56 15.86
C HIS A 200 1.44 5.51 17.39
N PRO A 201 0.91 6.55 18.04
CA PRO A 201 0.93 6.74 19.50
C PRO A 201 0.72 5.45 20.29
N ARG A 202 -0.26 4.64 19.88
CA ARG A 202 -0.59 3.44 20.62
C ARG A 202 0.33 2.30 20.26
N ILE A 203 1.15 2.51 19.24
CA ILE A 203 2.03 1.46 18.72
C ILE A 203 3.47 1.60 19.20
N ILE A 204 4.01 2.82 19.16
CA ILE A 204 5.36 3.03 19.67
C ILE A 204 5.36 2.81 21.19
N THR A 205 4.21 3.01 21.82
CA THR A 205 4.08 2.80 23.26
C THR A 205 3.80 1.33 23.58
N ASN A 206 3.75 0.51 22.53
CA ASN A 206 3.47 -0.92 22.66
C ASN A 206 2.17 -1.21 23.39
N GLU A 207 1.23 -0.28 23.29
CA GLU A 207 -0.05 -0.42 23.98
C GLU A 207 -1.03 -1.28 23.21
N ILE A 208 -0.88 -1.27 21.88
CA ILE A 208 -1.82 -1.90 20.97
C ILE A 208 -1.14 -3.00 20.19
N ASP A 209 -1.91 -4.01 19.80
CA ASP A 209 -1.43 -5.03 18.87
C ASP A 209 -2.11 -4.86 17.51
N PRO A 210 -1.35 -4.43 16.49
CA PRO A 210 -1.98 -4.08 15.21
C PRO A 210 -2.90 -5.18 14.69
N LYS A 211 -2.44 -6.43 14.72
CA LYS A 211 -3.21 -7.56 14.21
C LYS A 211 -4.57 -7.69 14.89
N ASP A 212 -4.73 -7.05 16.03
CA ASP A 212 -6.00 -7.05 16.74
C ASP A 212 -6.70 -5.69 16.60
N ASN A 213 -6.16 -4.84 15.73
CA ASN A 213 -6.64 -3.48 15.59
C ASN A 213 -6.55 -2.96 14.16
N LEU A 214 -6.56 -3.86 13.18
CA LEU A 214 -6.36 -3.37 11.82
C LEU A 214 -7.56 -2.57 11.27
N GLY A 215 -8.73 -2.73 11.90
CA GLY A 215 -9.87 -1.92 11.55
C GLY A 215 -9.60 -0.43 11.76
N VAL A 216 -9.23 -0.06 12.98
CA VAL A 216 -8.96 1.35 13.28
C VAL A 216 -7.77 1.86 12.51
N LEU A 217 -6.69 1.09 12.50
CA LEU A 217 -5.47 1.51 11.82
C LEU A 217 -5.72 1.76 10.34
N LEU A 218 -6.60 0.97 9.74
CA LEU A 218 -6.96 1.17 8.34
C LEU A 218 -7.59 2.54 8.17
N ILE A 219 -8.62 2.79 8.96
CA ILE A 219 -9.25 4.09 8.93
C ILE A 219 -8.23 5.19 9.19
N GLU A 220 -7.49 5.08 10.29
CA GLU A 220 -6.51 6.10 10.65
C GLU A 220 -5.40 6.27 9.60
N PHE A 221 -5.10 5.22 8.84
CA PHE A 221 -4.15 5.36 7.77
C PHE A 221 -4.69 6.32 6.71
N PHE A 222 -5.94 6.15 6.33
CA PHE A 222 -6.54 7.03 5.33
C PHE A 222 -6.73 8.44 5.88
N GLU A 223 -6.87 8.52 7.19
CA GLU A 223 -7.05 9.80 7.87
C GLU A 223 -5.74 10.58 7.86
N LEU A 224 -4.65 9.90 8.18
CA LEU A 224 -3.36 10.53 8.19
C LEU A 224 -3.02 11.04 6.80
N TYR A 225 -3.00 10.12 5.83
CA TYR A 225 -2.53 10.43 4.49
C TYR A 225 -3.60 11.06 3.60
N GLY A 226 -4.81 11.18 4.12
CA GLY A 226 -5.89 11.77 3.35
C GLY A 226 -6.25 13.18 3.80
N LYS A 227 -6.01 13.48 5.07
CA LYS A 227 -6.52 14.73 5.66
C LYS A 227 -5.47 15.61 6.32
N ASN A 228 -4.37 15.02 6.79
CA ASN A 228 -3.46 15.75 7.67
C ASN A 228 -2.02 15.86 7.21
N PHE A 229 -1.55 14.89 6.44
CA PHE A 229 -0.13 14.86 6.13
C PHE A 229 0.30 16.10 5.35
N GLY A 230 1.34 16.77 5.85
CA GLY A 230 1.84 17.97 5.21
C GLY A 230 2.65 17.64 3.97
N TYR A 231 1.96 17.28 2.91
CA TYR A 231 2.63 16.89 1.67
C TYR A 231 3.59 17.95 1.18
N ASP A 232 3.14 19.21 1.28
CA ASP A 232 3.95 20.34 0.84
C ASP A 232 5.29 20.40 1.57
N ASP A 233 5.28 20.14 2.89
CA ASP A 233 6.43 20.41 3.75
C ASP A 233 7.15 19.21 4.37
N VAL A 234 6.49 18.05 4.45
CA VAL A 234 7.08 16.89 5.14
C VAL A 234 7.53 15.77 4.20
N ALA A 235 8.71 15.21 4.48
CA ALA A 235 9.25 14.10 3.69
C ALA A 235 9.44 12.86 4.56
N LEU A 236 9.65 11.71 3.92
CA LEU A 236 9.82 10.46 4.64
C LEU A 236 11.18 9.84 4.36
N GLY A 237 11.80 9.30 5.40
CA GLY A 237 13.09 8.63 5.28
C GLY A 237 13.29 7.62 6.39
N SER A 238 14.51 7.08 6.47
CA SER A 238 14.84 6.08 7.49
C SER A 238 16.24 6.26 8.05
N SER A 239 16.32 6.80 9.26
CA SER A 239 17.57 6.90 9.98
C SER A 239 17.68 5.74 10.95
N ASP A 240 18.44 4.72 10.56
CA ASP A 240 18.68 3.57 11.43
C ASP A 240 17.44 2.69 11.58
N GLY A 241 16.90 2.22 10.46
CA GLY A 241 15.75 1.35 10.47
C GLY A 241 14.57 1.93 11.22
N TYR A 242 14.60 3.24 11.42
CA TYR A 242 13.52 3.95 12.09
C TYR A 242 12.85 4.93 11.13
N PRO A 243 11.54 4.75 10.87
CA PRO A 243 10.76 5.68 10.08
C PRO A 243 10.88 7.11 10.62
N VAL A 244 10.99 8.08 9.72
CA VAL A 244 11.33 9.44 10.10
C VAL A 244 10.68 10.47 9.18
N TYR A 245 10.23 11.58 9.75
CA TYR A 245 9.87 12.73 8.92
C TYR A 245 11.00 13.75 8.96
N PHE A 246 11.23 14.43 7.85
CA PHE A 246 12.06 15.62 7.87
C PHE A 246 11.50 16.68 6.93
N PRO A 247 11.70 17.97 7.27
CA PRO A 247 11.12 19.05 6.47
C PRO A 247 11.80 19.14 5.11
N LYS A 248 11.04 19.47 4.07
CA LYS A 248 11.60 19.55 2.73
C LYS A 248 12.79 20.49 2.72
N SER A 249 12.63 21.60 3.44
CA SER A 249 13.61 22.68 3.45
C SER A 249 15.03 22.25 3.83
N THR A 250 15.13 21.14 4.56
CA THR A 250 16.44 20.62 4.98
C THR A 250 17.04 19.69 3.92
N TRP A 251 16.19 19.13 3.06
CA TRP A 251 16.68 18.27 1.99
C TRP A 251 17.19 19.12 0.86
N SER A 252 18.46 19.50 0.95
CA SER A 252 19.06 20.42 -0.01
C SER A 252 19.26 19.77 -1.36
N ALA A 253 19.49 18.45 -1.36
CA ALA A 253 19.74 17.71 -2.58
C ALA A 253 18.71 17.99 -3.69
N ILE A 254 17.51 18.40 -3.30
CA ILE A 254 16.43 18.60 -4.27
C ILE A 254 15.66 19.92 -4.07
N GLN A 255 16.20 20.80 -3.22
CA GLN A 255 15.45 21.99 -2.78
C GLN A 255 15.14 23.06 -3.82
N PRO A 256 15.77 23.00 -5.00
CA PRO A 256 15.17 23.80 -6.07
C PRO A 256 13.94 23.07 -6.60
N ILE A 257 12.95 22.85 -5.74
CA ILE A 257 11.77 22.04 -6.06
C ILE A 257 10.81 22.76 -7.01
N LYS A 258 10.77 22.30 -8.26
CA LYS A 258 9.93 22.94 -9.26
C LYS A 258 8.45 22.82 -8.88
N ASN A 259 8.08 21.66 -8.33
CA ASN A 259 6.70 21.40 -7.93
C ASN A 259 6.59 21.05 -6.45
N PRO A 260 6.12 22.00 -5.64
CA PRO A 260 5.99 21.88 -4.18
C PRO A 260 5.09 20.73 -3.71
N PHE A 261 3.89 20.62 -4.28
CA PHE A 261 2.91 19.64 -3.82
C PHE A 261 3.11 18.26 -4.45
N SER A 262 3.87 17.42 -3.76
CA SER A 262 4.18 16.09 -4.26
C SER A 262 4.80 15.23 -3.18
N LEU A 263 4.59 13.92 -3.27
CA LEU A 263 5.10 13.00 -2.27
C LEU A 263 6.61 12.91 -2.36
N ALA A 264 7.27 13.05 -1.20
CA ALA A 264 8.73 12.96 -1.15
C ALA A 264 9.16 11.88 -0.17
N ILE A 265 9.67 10.79 -0.71
CA ILE A 265 10.16 9.69 0.09
C ILE A 265 11.60 9.43 -0.32
N GLN A 266 12.49 9.39 0.66
CA GLN A 266 13.92 9.26 0.41
C GLN A 266 14.29 7.91 -0.21
N ASP A 267 14.92 7.97 -1.37
CA ASP A 267 15.34 6.75 -2.08
C ASP A 267 16.35 5.99 -1.25
N PRO A 268 16.04 4.74 -0.87
CA PRO A 268 16.91 3.96 0.01
C PRO A 268 18.30 3.70 -0.57
N GLY A 269 18.43 3.76 -1.89
CA GLY A 269 19.70 3.46 -2.54
C GLY A 269 20.42 4.72 -2.95
N ASP A 270 19.75 5.84 -2.70
CA ASP A 270 20.25 7.13 -3.06
C ASP A 270 19.47 8.15 -2.24
N GLU A 271 20.06 8.56 -1.12
CA GLU A 271 19.43 9.51 -0.23
C GLU A 271 19.35 10.87 -0.90
N SER A 272 19.80 10.92 -2.15
CA SER A 272 19.87 12.14 -2.92
C SER A 272 18.57 12.51 -3.65
N ASN A 273 17.73 11.51 -3.92
CA ASN A 273 16.45 11.78 -4.59
C ASN A 273 15.28 11.00 -3.99
N ASN A 274 14.06 11.48 -4.23
CA ASN A 274 12.89 10.72 -3.78
C ASN A 274 12.37 9.79 -4.86
N ILE A 275 11.99 8.59 -4.47
CA ILE A 275 11.47 7.63 -5.43
C ILE A 275 10.02 7.94 -5.80
N SER A 276 9.43 8.93 -5.13
CA SER A 276 8.01 9.26 -5.32
C SER A 276 7.83 10.46 -6.24
N ARG A 277 8.92 10.93 -6.83
CA ARG A 277 8.88 12.08 -7.71
C ARG A 277 7.90 11.84 -8.84
N GLY A 278 7.88 10.61 -9.34
CA GLY A 278 7.06 10.26 -10.49
C GLY A 278 5.56 10.19 -10.24
N SER A 279 5.16 10.23 -8.97
CA SER A 279 3.75 10.23 -8.63
C SER A 279 3.13 11.63 -8.75
N PHE A 280 2.97 12.11 -9.97
CA PHE A 280 2.53 13.48 -10.17
C PHE A 280 1.04 13.68 -9.90
N ASN A 281 0.31 12.58 -9.76
CA ASN A 281 -1.13 12.69 -9.56
C ASN A 281 -1.46 12.67 -8.09
N ILE A 282 -0.50 13.12 -7.29
CA ILE A 282 -0.62 13.05 -5.85
C ILE A 282 -1.82 13.81 -5.32
N ARG A 283 -2.26 14.83 -6.04
CA ARG A 283 -3.42 15.60 -5.61
C ARG A 283 -4.67 14.74 -5.53
N ASP A 284 -4.92 13.96 -6.56
CA ASP A 284 -6.08 13.06 -6.61
C ASP A 284 -5.91 11.89 -5.67
N ILE A 285 -4.66 11.51 -5.43
CA ILE A 285 -4.38 10.42 -4.50
C ILE A 285 -4.88 10.79 -3.11
N LYS A 286 -4.52 12.00 -2.65
CA LYS A 286 -4.97 12.50 -1.36
C LYS A 286 -6.48 12.60 -1.29
N LYS A 287 -7.10 13.11 -2.35
CA LYS A 287 -8.56 13.13 -2.42
C LYS A 287 -9.15 11.73 -2.22
N ALA A 288 -8.53 10.72 -2.83
CA ALA A 288 -9.04 9.36 -2.76
C ALA A 288 -8.94 8.74 -1.37
N PHE A 289 -7.80 8.90 -0.70
CA PHE A 289 -7.68 8.42 0.68
C PHE A 289 -8.76 9.05 1.56
N ALA A 290 -8.96 10.35 1.39
CA ALA A 290 -9.98 11.04 2.17
C ALA A 290 -11.33 10.42 1.85
N GLY A 291 -11.58 10.17 0.56
CA GLY A 291 -12.78 9.46 0.14
C GLY A 291 -12.91 8.14 0.89
N ALA A 292 -11.80 7.42 1.02
CA ALA A 292 -11.83 6.13 1.67
C ALA A 292 -12.19 6.29 3.14
N PHE A 293 -11.52 7.22 3.80
CA PHE A 293 -11.87 7.58 5.17
C PHE A 293 -13.36 7.92 5.29
N ASP A 294 -13.85 8.82 4.45
CA ASP A 294 -15.25 9.22 4.48
C ASP A 294 -16.17 8.02 4.36
N LEU A 295 -15.88 7.15 3.40
CA LEU A 295 -16.70 5.97 3.14
C LEU A 295 -16.71 5.00 4.32
N LEU A 296 -15.53 4.66 4.81
CA LEU A 296 -15.38 3.73 5.93
C LEU A 296 -16.07 4.24 7.21
N THR A 297 -15.77 5.48 7.58
CA THR A 297 -16.34 6.07 8.78
C THR A 297 -17.85 6.23 8.66
N ASN A 298 -18.32 6.72 7.51
CA ASN A 298 -19.75 6.89 7.30
C ASN A 298 -20.46 5.56 7.44
N ARG A 299 -19.87 4.54 6.83
CA ARG A 299 -20.39 3.19 6.89
C ARG A 299 -20.48 2.70 8.33
N CYS A 300 -19.41 2.89 9.09
CA CYS A 300 -19.41 2.51 10.49
C CYS A 300 -20.57 3.15 11.26
N PHE A 301 -20.77 4.45 11.07
CA PHE A 301 -21.89 5.11 11.72
C PHE A 301 -23.18 4.43 11.30
N GLU A 302 -23.33 4.25 9.99
CA GLU A 302 -24.55 3.68 9.40
C GLU A 302 -24.94 2.32 9.99
N LEU A 303 -23.96 1.49 10.32
CA LEU A 303 -24.24 0.15 10.86
C LEU A 303 -24.44 0.17 12.36
N HIS A 304 -23.59 0.91 13.07
CA HIS A 304 -23.68 1.03 14.53
C HIS A 304 -25.00 1.68 14.96
N SER A 305 -25.81 2.08 13.99
CA SER A 305 -27.09 2.70 14.27
C SER A 305 -28.23 2.02 13.51
N ALA A 306 -28.05 0.73 13.22
CA ALA A 306 -29.08 -0.01 12.51
C ALA A 306 -29.46 -1.27 13.27
N THR A 307 -30.62 -1.82 12.96
CA THR A 307 -31.08 -3.06 13.56
C THR A 307 -30.15 -4.19 13.16
N PHE A 308 -29.86 -5.08 14.11
CA PHE A 308 -29.02 -6.24 13.82
C PHE A 308 -29.52 -6.99 12.59
N LYS A 309 -30.83 -6.92 12.35
CA LYS A 309 -31.43 -7.54 11.16
C LYS A 309 -30.96 -6.87 9.87
N ASP A 310 -30.65 -5.59 9.93
CA ASP A 310 -30.20 -4.84 8.76
C ASP A 310 -28.70 -5.01 8.55
N ARG A 311 -28.03 -5.54 9.56
CA ARG A 311 -26.60 -5.73 9.49
C ARG A 311 -26.26 -7.09 8.88
N LEU A 312 -27.12 -8.07 9.13
CA LEU A 312 -26.93 -9.42 8.62
C LEU A 312 -26.40 -9.42 7.20
N GLY A 313 -25.30 -10.14 7.01
CA GLY A 313 -24.68 -10.31 5.70
C GLY A 313 -24.16 -9.04 5.05
N LYS A 314 -23.83 -8.03 5.85
CA LYS A 314 -23.35 -6.77 5.29
C LYS A 314 -21.84 -6.71 5.26
N SER A 315 -21.32 -5.79 4.46
CA SER A 315 -19.89 -5.66 4.27
C SER A 315 -19.46 -4.22 4.43
N ILE A 316 -18.47 -4.00 5.28
CA ILE A 316 -17.91 -2.67 5.51
C ILE A 316 -16.96 -2.29 4.37
N LEU A 317 -16.00 -3.18 4.10
CA LEU A 317 -14.99 -2.98 3.06
C LEU A 317 -15.60 -2.92 1.67
N GLY A 318 -16.63 -3.73 1.43
CA GLY A 318 -17.14 -3.99 0.10
C GLY A 318 -17.20 -2.83 -0.88
N ASN A 319 -17.74 -1.69 -0.43
CA ASN A 319 -17.90 -0.55 -1.33
C ASN A 319 -16.67 0.36 -1.36
N VAL A 320 -15.75 0.20 -0.42
CA VAL A 320 -14.56 1.08 -0.42
C VAL A 320 -13.52 0.56 -1.42
N ILE A 321 -13.07 -0.67 -1.20
CA ILE A 321 -12.33 -1.44 -2.18
C ILE A 321 -13.36 -1.77 -3.23
N LYS A 322 -12.96 -2.18 -4.44
CA LYS A 322 -14.01 -2.65 -5.36
C LYS A 322 -13.96 -4.15 -5.55
N TYR A 323 -13.05 -4.57 -6.40
CA TYR A 323 -12.65 -5.98 -6.48
C TYR A 323 -13.33 -6.79 -7.59
N GLN B 7 -25.23 17.92 19.63
CA GLN B 7 -23.81 17.83 19.90
C GLN B 7 -23.50 16.71 20.90
N CYS B 8 -22.57 15.85 20.53
CA CYS B 8 -22.31 14.60 21.25
C CYS B 8 -22.31 14.70 22.78
N THR B 9 -22.72 13.62 23.43
CA THR B 9 -22.67 13.48 24.88
C THR B 9 -21.62 12.46 25.31
N LEU B 10 -21.14 11.67 24.35
CA LEU B 10 -20.06 10.72 24.61
C LEU B 10 -18.73 11.45 24.50
N CYS B 11 -18.60 12.25 23.44
CA CYS B 11 -17.38 12.97 23.13
C CYS B 11 -17.30 14.28 23.93
N LYS B 12 -18.46 14.80 24.31
CA LYS B 12 -18.55 16.05 25.06
C LYS B 12 -18.27 17.23 24.13
N SER B 13 -17.95 16.93 22.87
CA SER B 13 -17.65 17.95 21.87
C SER B 13 -18.92 18.51 21.25
N LYS B 14 -18.81 19.71 20.68
CA LYS B 14 -19.92 20.29 19.94
C LYS B 14 -19.54 20.61 18.50
N LYS B 15 -19.06 19.59 17.79
CA LYS B 15 -18.76 19.71 16.37
C LYS B 15 -19.43 18.59 15.57
N HIS B 16 -20.25 17.79 16.27
CA HIS B 16 -20.99 16.70 15.65
C HIS B 16 -22.05 16.15 16.61
N SER B 17 -22.94 15.31 16.11
CA SER B 17 -23.96 14.69 16.95
C SER B 17 -23.46 13.36 17.50
N LYS B 18 -24.28 12.72 18.35
CA LYS B 18 -23.91 11.43 18.92
C LYS B 18 -23.83 10.38 17.82
N GLU B 19 -24.68 10.55 16.82
CA GLU B 19 -24.82 9.60 15.72
C GLU B 19 -23.63 9.68 14.76
N ARG B 20 -22.50 10.16 15.27
CA ARG B 20 -21.38 10.48 14.39
C ARG B 20 -20.13 10.76 15.22
N CYS B 21 -20.13 10.24 16.44
CA CYS B 21 -19.01 10.38 17.34
C CYS B 21 -17.87 9.45 16.95
N PRO B 22 -16.68 10.01 16.69
CA PRO B 22 -15.53 9.20 16.26
C PRO B 22 -15.20 8.05 17.20
N SER B 23 -15.67 8.11 18.43
CA SER B 23 -15.37 7.05 19.41
C SER B 23 -16.09 5.78 19.01
N ILE B 24 -17.02 5.93 18.07
CA ILE B 24 -17.74 4.81 17.50
C ILE B 24 -16.78 3.89 16.77
N TRP B 25 -15.97 4.46 15.88
CA TRP B 25 -15.05 3.66 15.10
C TRP B 25 -13.63 3.68 15.64
N ARG B 26 -13.29 4.72 16.41
CA ARG B 26 -11.95 4.80 16.98
C ARG B 26 -11.90 4.13 18.33
N ALA B 27 -11.81 2.80 18.31
CA ALA B 27 -11.65 1.99 19.52
C ALA B 27 -10.41 1.11 19.38
N TYR B 28 -9.63 1.01 20.45
CA TYR B 28 -8.45 0.16 20.44
C TYR B 28 -8.61 -1.02 21.38
N ILE B 29 -8.20 -2.20 20.94
CA ILE B 29 -8.11 -3.32 21.84
C ILE B 29 -6.68 -3.36 22.35
N LEU B 30 -6.53 -3.15 23.67
CA LEU B 30 -5.23 -3.10 24.30
C LEU B 30 -4.74 -4.49 24.70
N VAL B 31 -3.41 -4.62 24.79
CA VAL B 31 -2.78 -5.86 25.25
C VAL B 31 -3.47 -6.41 26.51
N HIS B 45 10.96 5.46 19.78
CA HIS B 45 12.09 6.37 20.01
C HIS B 45 11.61 7.82 20.13
N THR B 46 11.84 8.61 19.09
CA THR B 46 11.41 9.99 19.07
C THR B 46 10.11 10.15 18.27
N ILE B 47 9.51 11.32 18.36
CA ILE B 47 8.22 11.58 17.73
C ILE B 47 8.44 12.44 16.50
N TYR B 48 7.50 12.40 15.56
CA TYR B 48 7.60 13.20 14.36
C TYR B 48 6.27 13.83 13.97
N CYS B 49 6.32 15.09 13.58
CA CYS B 49 5.12 15.84 13.28
C CYS B 49 4.80 15.82 11.79
N TYR B 50 3.55 15.51 11.46
CA TYR B 50 3.14 15.36 10.08
C TYR B 50 2.93 16.70 9.41
N ASN B 51 2.90 17.75 10.21
CA ASN B 51 2.64 19.10 9.75
C ASN B 51 3.93 19.83 9.36
N CYS B 52 4.91 19.77 10.25
CA CYS B 52 6.27 20.21 9.95
C CYS B 52 7.15 19.01 10.19
N GLY B 53 8.16 18.81 9.36
CA GLY B 53 9.00 17.63 9.48
C GLY B 53 9.77 17.59 10.78
N GLY B 54 9.31 18.34 11.77
CA GLY B 54 10.01 18.47 13.05
C GLY B 54 9.78 17.34 14.02
N LYS B 55 10.77 17.10 14.87
CA LYS B 55 10.72 16.02 15.86
C LYS B 55 10.33 16.53 17.24
N GLY B 56 9.81 15.63 18.07
CA GLY B 56 9.48 15.97 19.44
C GLY B 56 8.00 16.19 19.73
N HIS B 57 7.18 16.19 18.68
CA HIS B 57 5.75 16.40 18.85
C HIS B 57 4.94 15.87 17.67
N PHE B 58 3.67 15.58 17.89
CA PHE B 58 2.80 15.09 16.84
C PHE B 58 2.28 16.20 15.92
N GLY B 59 2.07 15.85 14.66
CA GLY B 59 1.58 16.80 13.67
C GLY B 59 0.25 17.43 14.02
N ASP B 60 -0.47 16.80 14.93
CA ASP B 60 -1.81 17.24 15.26
C ASP B 60 -1.79 18.46 16.19
N ASP B 61 -0.94 18.41 17.22
CA ASP B 61 -0.84 19.51 18.17
C ASP B 61 0.45 20.31 17.95
N CYS B 62 0.63 20.73 16.70
CA CYS B 62 1.83 21.45 16.29
C CYS B 62 1.54 22.94 16.22
N LYS B 63 2.59 23.76 16.25
CA LYS B 63 2.42 25.21 16.40
C LYS B 63 2.29 25.98 15.08
N GLU B 64 2.89 25.44 14.02
CA GLU B 64 2.91 26.11 12.73
C GLU B 64 1.55 26.15 12.05
N LYS B 65 1.39 27.03 11.06
CA LYS B 65 0.20 27.01 10.22
C LYS B 65 0.15 25.64 9.57
N ARG B 66 -1.04 25.05 9.49
CA ARG B 66 -1.14 23.69 9.00
C ARG B 66 -0.91 23.56 7.48
N SER B 67 -0.20 22.50 7.10
CA SER B 67 0.24 22.29 5.72
C SER B 67 -0.83 21.66 4.84
N SER B 68 -1.97 21.35 5.42
CA SER B 68 -3.06 20.74 4.69
C SER B 68 -4.26 21.65 4.70
N ARG B 69 -4.60 22.18 3.53
CA ARG B 69 -5.74 23.06 3.39
C ARG B 69 -7.04 22.37 3.80
N VAL B 70 -6.92 21.10 4.17
CA VAL B 70 -8.06 20.31 4.61
C VAL B 70 -8.20 20.38 6.13
N PRO B 71 -9.42 20.67 6.60
CA PRO B 71 -9.69 20.85 8.03
C PRO B 71 -9.77 19.56 8.85
N ASN B 72 -9.75 19.71 10.16
CA ASN B 72 -10.11 18.64 11.09
C ASN B 72 -10.32 19.17 12.51
N GLU B 73 -11.35 19.99 12.66
CA GLU B 73 -11.64 20.61 13.95
C GLU B 73 -11.71 19.56 15.05
N ASP B 74 -12.00 18.33 14.67
CA ASP B 74 -11.92 17.22 15.60
C ASP B 74 -10.63 16.46 15.34
N GLY B 75 -9.94 16.06 16.41
CA GLY B 75 -8.57 15.57 16.31
C GLY B 75 -8.29 14.35 15.45
N SER B 76 -7.00 14.03 15.31
CA SER B 76 -6.60 12.80 14.62
C SER B 76 -6.10 11.77 15.60
N ALA B 77 -5.60 10.67 15.04
CA ALA B 77 -4.95 9.65 15.81
C ALA B 77 -3.68 10.22 16.40
N PHE B 78 -3.11 11.19 15.68
CA PHE B 78 -1.77 11.66 16.01
C PHE B 78 -1.71 12.91 16.88
N THR B 79 -2.35 12.85 18.05
CA THR B 79 -2.22 13.89 19.06
C THR B 79 -1.47 13.29 20.24
N GLY B 80 -0.88 14.16 21.06
CA GLY B 80 -0.17 13.71 22.25
C GLY B 80 -1.07 13.03 23.26
N SER B 81 -2.38 13.19 23.10
CA SER B 81 -3.34 12.51 23.96
C SER B 81 -3.18 11.00 23.86
N ASN B 82 -2.23 10.56 23.02
CA ASN B 82 -1.79 9.18 22.99
C ASN B 82 -2.90 8.23 22.59
N LEU B 83 -3.83 8.72 21.78
CA LEU B 83 -4.95 7.91 21.32
C LEU B 83 -4.88 7.66 19.82
#